data_1NG0
#
_entry.id   1NG0
#
_cell.length_a   291.069
_cell.length_b   537.250
_cell.length_c   555.158
_cell.angle_alpha   90.00
_cell.angle_beta   90.00
_cell.angle_gamma   90.00
#
_symmetry.space_group_name_H-M   'P 21 21 21'
#
loop_
_entity.id
_entity.type
_entity.pdbx_description
1 polymer 'coat protein'
2 non-polymer 'CALCIUM ION'
3 water water
#
_entity_poly.entity_id   1
_entity_poly.type   'polypeptide(L)'
_entity_poly.pdbx_seq_one_letter_code
;MVRKGAAAKAPQQPKPKAQQQPGGRRRRRGRSMEPVSRPLNPPAAVGSTLKAGRGRTAGVSDWFDTGMITSYLGGFQRTA
GTTDSQVFIVSPAALDRVGTIAKAYALWRPKHWEIVYLPRCSTQTDGSIEMGFLLDYADSVPTNTRTMASSTSFTTSNVW
GGGDGSSLLHTSMKSMGNAVTSALPCDEFSNKWFKLSWSTPEESENAHLTDTYVPARFVVRSDFPVVTADQPGHLWLRSR
ILLKGSVSPSTNL
;
_entity_poly.pdbx_strand_id   A,B,C
#
loop_
_chem_comp.id
_chem_comp.type
_chem_comp.name
_chem_comp.formula
CA non-polymer 'CALCIUM ION' 'Ca 2'
#
# COMPACT_ATOMS: atom_id res chain seq x y z
N ASP A 62 -3.13 15.05 17.90
CA ASP A 62 -3.86 14.38 16.77
C ASP A 62 -4.00 12.88 16.98
N TRP A 63 -2.89 12.23 17.33
CA TRP A 63 -2.89 10.80 17.58
C TRP A 63 -2.54 10.58 19.04
N PHE A 64 -2.62 9.35 19.52
CA PHE A 64 -2.32 9.08 20.92
C PHE A 64 -1.30 8.00 21.17
N ASP A 65 -0.37 8.31 22.06
CA ASP A 65 0.75 7.43 22.40
C ASP A 65 0.53 6.70 23.71
N THR A 66 0.60 5.37 23.65
CA THR A 66 0.39 4.52 24.84
C THR A 66 1.56 4.50 25.79
N GLY A 67 2.75 4.80 25.29
CA GLY A 67 3.94 4.75 26.12
C GLY A 67 4.32 3.30 26.17
N MET A 68 5.33 2.94 26.95
CA MET A 68 5.74 1.54 27.04
C MET A 68 4.76 0.78 27.91
N ILE A 69 4.45 -0.44 27.50
CA ILE A 69 3.55 -1.29 28.25
C ILE A 69 4.04 -2.72 28.20
N THR A 70 3.97 -3.40 29.34
CA THR A 70 4.40 -4.78 29.44
C THR A 70 3.20 -5.69 29.30
N SER A 71 3.34 -6.72 28.49
CA SER A 71 2.25 -7.66 28.27
C SER A 71 2.78 -9.07 28.27
N TYR A 72 1.99 -10.01 28.79
CA TYR A 72 2.40 -11.40 28.80
C TYR A 72 2.05 -11.95 27.44
N LEU A 73 3.08 -12.36 26.72
CA LEU A 73 2.89 -12.89 25.38
C LEU A 73 2.51 -14.37 25.41
N GLY A 74 3.05 -15.09 26.38
CA GLY A 74 2.77 -16.51 26.50
C GLY A 74 4.01 -17.23 26.97
N GLY A 75 3.94 -18.55 27.11
CA GLY A 75 5.10 -19.28 27.55
C GLY A 75 5.90 -19.82 26.40
N PHE A 76 7.13 -20.22 26.67
CA PHE A 76 7.98 -20.81 25.66
C PHE A 76 7.70 -22.30 25.76
N GLN A 77 6.99 -22.84 24.77
CA GLN A 77 6.62 -24.25 24.80
C GLN A 77 7.50 -25.16 23.97
N ARG A 78 8.12 -26.14 24.63
CA ARG A 78 8.95 -27.08 23.91
C ARG A 78 8.14 -28.37 23.73
N THR A 79 8.23 -28.95 22.53
CA THR A 79 7.51 -30.18 22.25
C THR A 79 8.42 -31.21 21.59
N ALA A 80 7.80 -32.28 21.09
CA ALA A 80 8.52 -33.39 20.47
C ALA A 80 8.85 -33.25 18.98
N GLY A 81 7.98 -32.59 18.22
CA GLY A 81 8.24 -32.40 16.80
C GLY A 81 9.42 -31.46 16.62
N THR A 82 10.08 -31.52 15.46
CA THR A 82 11.25 -30.67 15.18
C THR A 82 10.84 -29.32 14.61
N THR A 83 10.00 -29.36 13.58
CA THR A 83 9.50 -28.16 12.91
C THR A 83 8.42 -27.55 13.79
N ASP A 84 8.68 -27.55 15.09
CA ASP A 84 7.75 -26.99 16.06
C ASP A 84 8.27 -25.62 16.48
N SER A 85 7.53 -24.61 16.07
CA SER A 85 7.85 -23.24 16.39
C SER A 85 6.56 -22.48 16.64
N GLN A 86 6.59 -21.60 17.63
CA GLN A 86 5.42 -20.81 17.97
C GLN A 86 5.46 -19.52 17.16
N VAL A 87 4.32 -19.12 16.63
CA VAL A 87 4.25 -17.90 15.84
C VAL A 87 3.24 -16.93 16.40
N PHE A 88 3.65 -15.69 16.60
CA PHE A 88 2.75 -14.67 17.12
C PHE A 88 2.62 -13.55 16.11
N ILE A 89 1.39 -13.10 15.88
CA ILE A 89 1.17 -12.02 14.95
C ILE A 89 1.36 -10.71 15.69
N VAL A 90 2.09 -9.78 15.09
CA VAL A 90 2.32 -8.50 15.74
C VAL A 90 1.04 -7.67 15.67
N SER A 91 0.32 -7.63 16.79
CA SER A 91 -0.93 -6.90 16.88
C SER A 91 -1.29 -6.75 18.34
N PRO A 92 -2.04 -5.68 18.68
CA PRO A 92 -2.46 -5.40 20.06
C PRO A 92 -3.61 -6.29 20.49
N ALA A 93 -4.35 -6.79 19.51
CA ALA A 93 -5.52 -7.63 19.72
C ALA A 93 -5.56 -8.49 20.98
N ALA A 94 -4.61 -9.41 21.11
CA ALA A 94 -4.58 -10.32 22.25
C ALA A 94 -4.03 -9.76 23.56
N LEU A 95 -3.33 -8.64 23.51
CA LEU A 95 -2.75 -8.08 24.72
C LEU A 95 -3.79 -7.65 25.74
N ASP A 96 -3.56 -8.02 27.00
CA ASP A 96 -4.49 -7.73 28.08
C ASP A 96 -4.94 -6.29 28.19
N ARG A 97 -3.98 -5.37 28.27
CA ARG A 97 -4.29 -3.94 28.38
C ARG A 97 -4.30 -3.24 27.04
N VAL A 98 -3.20 -3.35 26.31
CA VAL A 98 -3.09 -2.71 25.01
C VAL A 98 -4.29 -3.06 24.16
N GLY A 99 -4.69 -4.33 24.20
CA GLY A 99 -5.83 -4.76 23.42
C GLY A 99 -7.08 -3.96 23.78
N THR A 100 -7.35 -3.80 25.06
CA THR A 100 -8.53 -3.05 25.48
C THR A 100 -8.47 -1.60 25.02
N ILE A 101 -7.34 -0.96 25.28
CA ILE A 101 -7.18 0.43 24.88
C ILE A 101 -7.35 0.60 23.37
N ALA A 102 -6.64 -0.21 22.60
CA ALA A 102 -6.70 -0.11 21.14
C ALA A 102 -8.10 -0.24 20.57
N LYS A 103 -8.95 -1.01 21.22
CA LYS A 103 -10.32 -1.21 20.73
C LYS A 103 -11.06 0.08 20.42
N ALA A 104 -10.73 1.16 21.13
CA ALA A 104 -11.39 2.44 20.92
C ALA A 104 -10.83 3.28 19.76
N TYR A 105 -9.83 2.76 19.07
CA TYR A 105 -9.22 3.47 17.95
C TYR A 105 -9.28 2.66 16.68
N ALA A 106 -9.20 3.33 15.54
CA ALA A 106 -9.29 2.65 14.26
C ALA A 106 -7.94 2.28 13.65
N LEU A 107 -6.93 3.10 13.90
CA LEU A 107 -5.61 2.87 13.32
C LEU A 107 -4.53 2.77 14.38
N TRP A 108 -3.40 2.18 14.01
CA TRP A 108 -2.29 2.09 14.94
C TRP A 108 -0.98 1.99 14.21
N ARG A 109 0.10 2.26 14.94
CA ARG A 109 1.44 2.19 14.38
C ARG A 109 2.39 1.75 15.48
N PRO A 110 3.21 0.74 15.21
CA PRO A 110 4.16 0.24 16.21
C PRO A 110 5.35 1.18 16.31
N LYS A 111 5.64 1.65 17.52
CA LYS A 111 6.80 2.52 17.71
C LYS A 111 7.91 1.70 18.33
N HIS A 112 7.53 0.72 19.15
CA HIS A 112 8.50 -0.15 19.79
C HIS A 112 7.78 -1.45 20.07
N TRP A 113 8.37 -2.56 19.66
CA TRP A 113 7.78 -3.87 19.85
C TRP A 113 8.92 -4.84 20.10
N GLU A 114 9.23 -5.08 21.36
CA GLU A 114 10.34 -5.94 21.72
C GLU A 114 9.93 -7.03 22.67
N ILE A 115 10.37 -8.25 22.37
CA ILE A 115 10.07 -9.40 23.22
C ILE A 115 11.27 -9.76 24.07
N VAL A 116 11.03 -9.98 25.35
CA VAL A 116 12.07 -10.35 26.30
C VAL A 116 11.78 -11.76 26.81
N TYR A 117 12.78 -12.62 26.79
CA TYR A 117 12.60 -13.99 27.27
C TYR A 117 13.13 -14.07 28.70
N LEU A 118 12.34 -14.68 29.58
CA LEU A 118 12.77 -14.85 30.97
C LEU A 118 12.60 -16.30 31.39
N PRO A 119 13.65 -16.89 31.97
CA PRO A 119 13.70 -18.28 32.44
C PRO A 119 12.82 -18.55 33.64
N ARG A 120 12.58 -19.84 33.88
CA ARG A 120 11.80 -20.30 35.01
C ARG A 120 12.23 -21.73 35.28
N CYS A 121 13.38 -22.11 34.74
CA CYS A 121 13.86 -23.47 34.90
C CYS A 121 15.22 -23.64 35.57
N SER A 122 15.56 -24.90 35.80
CA SER A 122 16.81 -25.30 36.44
C SER A 122 18.00 -25.11 35.51
N THR A 123 19.13 -24.78 36.10
CA THR A 123 20.35 -24.58 35.34
C THR A 123 20.87 -25.88 34.74
N GLN A 124 20.10 -26.95 34.89
CA GLN A 124 20.51 -28.23 34.33
C GLN A 124 19.82 -28.44 33.00
N THR A 125 18.84 -27.58 32.72
CA THR A 125 18.09 -27.69 31.47
C THR A 125 18.97 -27.46 30.26
N ASP A 126 18.92 -28.39 29.31
CA ASP A 126 19.72 -28.25 28.09
C ASP A 126 18.88 -27.64 27.00
N GLY A 127 19.55 -27.19 25.94
CA GLY A 127 18.85 -26.60 24.81
C GLY A 127 18.93 -25.10 24.79
N SER A 128 18.48 -24.49 23.69
CA SER A 128 18.49 -23.05 23.58
C SER A 128 17.21 -22.57 22.92
N ILE A 129 16.98 -21.27 22.99
CA ILE A 129 15.79 -20.67 22.40
C ILE A 129 16.24 -19.76 21.27
N GLU A 130 15.40 -19.63 20.24
CA GLU A 130 15.71 -18.77 19.10
C GLU A 130 14.49 -17.94 18.79
N MET A 131 14.68 -16.64 18.60
CA MET A 131 13.56 -15.74 18.31
C MET A 131 13.92 -14.81 17.16
N GLY A 132 12.91 -14.35 16.44
CA GLY A 132 13.16 -13.46 15.33
C GLY A 132 11.85 -13.02 14.72
N PHE A 133 11.91 -12.12 13.73
CA PHE A 133 10.71 -11.62 13.08
C PHE A 133 10.69 -11.94 11.60
N LEU A 134 9.48 -12.07 11.06
CA LEU A 134 9.27 -12.32 9.64
C LEU A 134 8.46 -11.11 9.17
N LEU A 135 9.05 -10.33 8.28
CA LEU A 135 8.43 -9.10 7.77
C LEU A 135 7.49 -9.25 6.59
N ASP A 136 7.46 -10.43 5.98
CA ASP A 136 6.58 -10.70 4.83
C ASP A 136 5.73 -11.91 5.19
N TYR A 137 4.42 -11.74 5.22
CA TYR A 137 3.53 -12.83 5.58
C TYR A 137 3.68 -14.03 4.65
N ALA A 138 4.17 -13.79 3.44
CA ALA A 138 4.35 -14.86 2.47
C ALA A 138 5.62 -15.67 2.69
N ASP A 139 6.60 -15.11 3.42
CA ASP A 139 7.84 -15.83 3.67
C ASP A 139 7.49 -17.03 4.54
N SER A 140 8.23 -18.12 4.38
CA SER A 140 7.97 -19.32 5.17
C SER A 140 8.67 -19.26 6.51
N VAL A 141 8.15 -20.00 7.48
CA VAL A 141 8.72 -20.04 8.82
C VAL A 141 9.95 -20.94 8.87
N PRO A 142 11.07 -20.43 9.41
CA PRO A 142 12.31 -21.21 9.51
C PRO A 142 12.07 -22.52 10.24
N THR A 143 12.76 -23.57 9.79
CA THR A 143 12.60 -24.89 10.39
C THR A 143 13.88 -25.41 11.01
N ASN A 144 14.96 -24.66 10.88
CA ASN A 144 16.22 -25.07 11.46
C ASN A 144 17.01 -23.85 11.91
N THR A 145 18.01 -24.07 12.74
CA THR A 145 18.82 -22.98 13.26
C THR A 145 19.47 -22.12 12.19
N ARG A 146 20.10 -22.75 11.21
CA ARG A 146 20.78 -22.02 10.15
C ARG A 146 19.89 -20.95 9.50
N THR A 147 18.63 -21.27 9.22
CA THR A 147 17.76 -20.29 8.59
C THR A 147 17.06 -19.37 9.59
N MET A 148 16.92 -19.80 10.84
CA MET A 148 16.29 -18.96 11.86
C MET A 148 17.22 -17.77 12.10
N ALA A 149 18.51 -18.07 12.07
CA ALA A 149 19.53 -17.07 12.31
C ALA A 149 19.45 -15.90 11.34
N SER A 150 18.77 -16.10 10.21
CA SER A 150 18.65 -15.03 9.24
C SER A 150 17.41 -14.18 9.39
N SER A 151 16.57 -14.48 10.38
CA SER A 151 15.36 -13.71 10.57
C SER A 151 15.73 -12.33 11.10
N THR A 152 14.76 -11.42 11.10
CA THR A 152 15.02 -10.05 11.57
C THR A 152 15.12 -9.98 13.09
N SER A 153 16.13 -9.26 13.57
CA SER A 153 16.36 -9.10 15.01
C SER A 153 16.52 -10.44 15.69
N PHE A 154 17.12 -11.38 14.98
CA PHE A 154 17.35 -12.70 15.51
C PHE A 154 18.18 -12.65 16.77
N THR A 155 17.85 -13.51 17.72
CA THR A 155 18.58 -13.60 18.97
C THR A 155 18.41 -15.03 19.48
N THR A 156 19.36 -15.48 20.28
CA THR A 156 19.32 -16.83 20.81
C THR A 156 20.09 -16.90 22.10
N SER A 157 19.85 -17.94 22.89
CA SER A 157 20.55 -18.10 24.16
C SER A 157 20.12 -19.39 24.82
N ASN A 158 20.90 -19.87 25.78
CA ASN A 158 20.52 -21.10 26.46
C ASN A 158 19.18 -20.84 27.13
N VAL A 159 18.49 -21.92 27.45
CA VAL A 159 17.16 -21.86 28.03
C VAL A 159 16.98 -21.39 29.49
N TRP A 160 18.02 -21.50 30.31
CA TRP A 160 17.89 -21.09 31.70
C TRP A 160 18.46 -19.72 32.05
N GLY A 161 19.07 -19.06 31.07
CA GLY A 161 19.63 -17.75 31.35
C GLY A 161 18.79 -16.61 30.80
N GLY A 162 19.22 -15.38 31.07
CA GLY A 162 18.49 -14.22 30.58
C GLY A 162 17.95 -13.38 31.71
N GLY A 163 18.42 -13.65 32.92
CA GLY A 163 17.96 -12.93 34.09
C GLY A 163 18.18 -11.42 34.03
N ASP A 164 19.25 -10.99 33.39
CA ASP A 164 19.51 -9.56 33.30
C ASP A 164 18.39 -8.82 32.59
N GLY A 165 17.46 -9.56 32.00
CA GLY A 165 16.38 -8.90 31.29
C GLY A 165 15.18 -8.55 32.12
N SER A 166 15.07 -9.05 33.34
CA SER A 166 13.90 -8.76 34.17
C SER A 166 13.64 -7.28 34.41
N SER A 167 14.71 -6.50 34.56
CA SER A 167 14.52 -5.08 34.80
C SER A 167 13.93 -4.36 33.60
N LEU A 168 14.08 -4.93 32.40
CA LEU A 168 13.53 -4.31 31.20
C LEU A 168 12.00 -4.25 31.22
N LEU A 169 11.39 -4.92 32.18
CA LEU A 169 9.94 -4.94 32.25
C LEU A 169 9.30 -3.73 32.89
N HIS A 170 10.08 -2.92 33.59
CA HIS A 170 9.54 -1.73 34.21
C HIS A 170 10.42 -0.56 33.83
N THR A 171 11.52 -0.85 33.17
CA THR A 171 12.43 0.19 32.73
C THR A 171 12.09 0.44 31.27
N SER A 172 12.93 1.23 30.62
CA SER A 172 12.74 1.55 29.23
C SER A 172 14.13 1.60 28.62
N MET A 173 15.10 1.11 29.40
CA MET A 173 16.49 1.07 29.00
C MET A 173 16.69 0.07 27.88
N LYS A 174 17.94 -0.18 27.52
CA LYS A 174 18.21 -1.12 26.46
C LYS A 174 18.77 -2.45 26.93
N SER A 175 18.46 -3.49 26.17
CA SER A 175 18.91 -4.83 26.43
C SER A 175 20.42 -4.90 26.65
N MET A 176 20.82 -5.35 27.84
CA MET A 176 22.24 -5.50 28.12
C MET A 176 22.48 -6.63 29.09
N GLY A 177 23.71 -7.12 29.14
CA GLY A 177 24.02 -8.23 30.01
C GLY A 177 23.64 -9.48 29.25
N ASN A 178 23.15 -10.48 29.97
CA ASN A 178 22.75 -11.73 29.32
C ASN A 178 21.30 -11.66 28.87
N ALA A 179 20.69 -10.49 28.92
CA ALA A 179 19.30 -10.35 28.52
C ALA A 179 19.09 -10.89 27.12
N VAL A 180 17.99 -11.63 26.95
CA VAL A 180 17.64 -12.24 25.69
C VAL A 180 16.42 -11.52 25.13
N THR A 181 16.64 -10.67 24.13
CA THR A 181 15.56 -9.89 23.55
C THR A 181 15.61 -9.80 22.04
N SER A 182 14.47 -9.47 21.45
CA SER A 182 14.35 -9.33 20.02
C SER A 182 13.41 -8.16 19.78
N ALA A 183 13.92 -7.07 19.22
CA ALA A 183 13.12 -5.89 18.98
C ALA A 183 12.82 -5.63 17.52
N LEU A 184 11.54 -5.54 17.19
CA LEU A 184 11.15 -5.28 15.81
C LEU A 184 11.58 -3.89 15.40
N PRO A 185 12.31 -3.76 14.27
CA PRO A 185 12.79 -2.47 13.77
C PRO A 185 11.57 -1.68 13.27
N CYS A 186 11.05 -0.79 14.11
CA CYS A 186 9.85 -0.06 13.73
C CYS A 186 10.01 1.13 12.79
N ASP A 187 11.24 1.50 12.47
CA ASP A 187 11.45 2.61 11.56
C ASP A 187 10.79 2.28 10.21
N GLU A 188 10.44 1.02 10.02
CA GLU A 188 9.83 0.58 8.79
C GLU A 188 8.41 1.12 8.65
N PHE A 189 7.73 1.31 9.78
CA PHE A 189 6.35 1.77 9.75
C PHE A 189 6.15 3.21 10.12
N SER A 190 7.24 3.96 10.27
CA SER A 190 7.12 5.35 10.68
C SER A 190 6.24 6.21 9.79
N ASN A 191 5.93 5.74 8.58
CA ASN A 191 5.09 6.53 7.69
C ASN A 191 3.74 5.94 7.39
N LYS A 192 3.36 4.87 8.07
CA LYS A 192 2.05 4.31 7.77
C LYS A 192 1.20 4.00 8.97
N TRP A 193 -0.07 3.73 8.69
CA TRP A 193 -1.05 3.41 9.70
C TRP A 193 -1.70 2.09 9.37
N PHE A 194 -1.81 1.20 10.35
CA PHE A 194 -2.46 -0.08 10.10
C PHE A 194 -3.86 0.00 10.67
N LYS A 195 -4.80 -0.70 10.05
CA LYS A 195 -6.16 -0.70 10.56
C LYS A 195 -6.22 -1.83 11.59
N LEU A 196 -6.62 -1.49 12.81
CA LEU A 196 -6.71 -2.49 13.88
C LEU A 196 -7.72 -3.58 13.52
N SER A 197 -7.25 -4.83 13.54
CA SER A 197 -8.10 -5.97 13.24
C SER A 197 -8.19 -6.88 14.46
N TRP A 198 -9.35 -7.48 14.67
CA TRP A 198 -9.55 -8.34 15.83
C TRP A 198 -9.93 -9.76 15.48
N SER A 199 -9.99 -10.06 14.20
CA SER A 199 -10.32 -11.40 13.75
C SER A 199 -9.04 -12.12 13.38
N THR A 200 -9.07 -13.44 13.42
CA THR A 200 -7.91 -14.23 13.05
C THR A 200 -7.88 -14.40 11.55
N PRO A 201 -6.70 -14.30 10.94
CA PRO A 201 -6.58 -14.45 9.50
C PRO A 201 -7.24 -15.74 9.06
N GLU A 202 -8.08 -15.65 8.03
CA GLU A 202 -8.76 -16.81 7.50
C GLU A 202 -7.71 -17.84 7.08
N GLU A 203 -8.11 -19.09 6.92
CA GLU A 203 -7.18 -20.13 6.49
C GLU A 203 -6.94 -19.96 5.00
N SER A 204 -8.05 -19.70 4.31
CA SER A 204 -8.08 -19.51 2.88
C SER A 204 -7.59 -18.14 2.40
N GLU A 205 -7.32 -17.24 3.34
CA GLU A 205 -6.87 -15.90 2.97
C GLU A 205 -5.50 -15.92 2.30
N ASN A 206 -5.39 -15.17 1.21
CA ASN A 206 -4.15 -15.06 0.46
C ASN A 206 -3.10 -14.39 1.33
N ALA A 207 -1.93 -15.00 1.46
CA ALA A 207 -0.85 -14.44 2.28
C ALA A 207 -0.59 -12.97 1.98
N HIS A 208 -0.57 -12.62 0.70
CA HIS A 208 -0.33 -11.24 0.31
C HIS A 208 -1.36 -10.32 0.95
N LEU A 209 -2.61 -10.75 0.99
CA LEU A 209 -3.65 -9.93 1.59
C LEU A 209 -3.43 -9.77 3.09
N THR A 210 -3.15 -10.88 3.77
CA THR A 210 -2.94 -10.82 5.20
C THR A 210 -1.79 -9.88 5.52
N ASP A 211 -0.79 -9.91 4.65
CA ASP A 211 0.38 -9.08 4.83
C ASP A 211 0.06 -7.60 4.92
N THR A 212 -1.01 -7.16 4.28
CA THR A 212 -1.37 -5.75 4.28
C THR A 212 -1.79 -5.19 5.63
N TYR A 213 -2.22 -6.04 6.55
CA TYR A 213 -2.63 -5.53 7.85
C TYR A 213 -1.88 -6.16 9.01
N VAL A 214 -0.84 -6.91 8.69
CA VAL A 214 -0.01 -7.53 9.71
C VAL A 214 1.41 -7.01 9.55
N PRO A 215 1.84 -6.11 10.45
CA PRO A 215 3.18 -5.53 10.42
C PRO A 215 4.27 -6.59 10.25
N ALA A 216 4.17 -7.64 11.05
CA ALA A 216 5.13 -8.73 11.03
C ALA A 216 4.69 -9.88 11.91
N ARG A 217 5.43 -10.99 11.82
CA ARG A 217 5.16 -12.17 12.65
C ARG A 217 6.40 -12.42 13.50
N PHE A 218 6.18 -12.77 14.76
CA PHE A 218 7.29 -13.06 15.66
C PHE A 218 7.36 -14.58 15.80
N VAL A 219 8.55 -15.13 15.64
CA VAL A 219 8.73 -16.57 15.70
C VAL A 219 9.67 -17.02 16.80
N VAL A 220 9.27 -18.06 17.53
CA VAL A 220 10.08 -18.62 18.60
C VAL A 220 10.21 -20.12 18.41
N ARG A 221 11.43 -20.64 18.41
CA ARG A 221 11.60 -22.06 18.24
C ARG A 221 12.72 -22.59 19.11
N SER A 222 12.70 -23.90 19.33
CA SER A 222 13.69 -24.58 20.12
C SER A 222 14.65 -25.25 19.14
N ASP A 223 15.86 -25.57 19.55
CA ASP A 223 16.82 -26.21 18.67
C ASP A 223 16.97 -27.66 19.13
N PHE A 224 16.57 -27.87 20.37
CA PHE A 224 16.65 -29.13 21.09
C PHE A 224 15.30 -29.86 21.18
N PRO A 225 14.99 -30.76 20.24
CA PRO A 225 13.68 -31.42 20.38
C PRO A 225 13.67 -32.20 21.70
N VAL A 226 12.61 -32.02 22.49
CA VAL A 226 12.51 -32.66 23.79
C VAL A 226 11.70 -33.94 23.79
N VAL A 227 11.93 -34.74 24.83
CA VAL A 227 11.23 -36.00 25.02
C VAL A 227 9.88 -35.71 25.66
N THR A 228 9.91 -34.89 26.70
CA THR A 228 8.70 -34.51 27.42
C THR A 228 8.46 -33.02 27.26
N ALA A 229 7.24 -32.66 26.87
CA ALA A 229 6.89 -31.26 26.69
C ALA A 229 7.11 -30.50 27.97
N ASP A 230 7.62 -29.27 27.86
CA ASP A 230 7.86 -28.43 29.02
C ASP A 230 7.81 -26.96 28.64
N GLN A 231 7.98 -26.11 29.65
CA GLN A 231 7.93 -24.66 29.45
C GLN A 231 9.07 -24.04 30.24
N PRO A 232 10.27 -23.98 29.65
CA PRO A 232 11.50 -23.43 30.23
C PRO A 232 11.46 -21.95 30.61
N GLY A 233 10.60 -21.18 29.97
CA GLY A 233 10.52 -19.77 30.26
C GLY A 233 9.28 -19.06 29.76
N HIS A 234 9.23 -17.76 29.98
CA HIS A 234 8.10 -16.94 29.55
C HIS A 234 8.50 -15.92 28.50
N LEU A 235 7.54 -15.54 27.66
CA LEU A 235 7.78 -14.56 26.62
C LEU A 235 7.06 -13.27 26.99
N TRP A 236 7.83 -12.22 27.25
CA TRP A 236 7.26 -10.94 27.62
C TRP A 236 7.41 -9.91 26.54
N LEU A 237 6.37 -9.10 26.37
CA LEU A 237 6.40 -8.08 25.35
C LEU A 237 6.32 -6.70 25.95
N ARG A 238 7.22 -5.83 25.55
CA ARG A 238 7.12 -4.47 26.02
C ARG A 238 7.03 -3.69 24.72
N SER A 239 5.89 -3.03 24.56
CA SER A 239 5.60 -2.29 23.35
C SER A 239 5.16 -0.88 23.61
N ARG A 240 5.15 -0.10 22.55
CA ARG A 240 4.72 1.29 22.57
C ARG A 240 4.13 1.51 21.19
N ILE A 241 2.90 1.97 21.13
CA ILE A 241 2.25 2.19 19.85
C ILE A 241 1.47 3.49 19.82
N LEU A 242 1.12 3.92 18.61
CA LEU A 242 0.35 5.13 18.43
C LEU A 242 -1.02 4.71 17.94
N LEU A 243 -2.05 5.33 18.46
CA LEU A 243 -3.42 5.01 18.07
C LEU A 243 -4.02 6.26 17.45
N LYS A 244 -4.83 6.09 16.41
CA LYS A 244 -5.42 7.24 15.74
C LYS A 244 -6.79 6.91 15.20
N GLY A 245 -7.67 7.91 15.19
CA GLY A 245 -9.01 7.72 14.66
C GLY A 245 -9.94 7.05 15.64
N SER A 246 -11.07 7.68 15.92
CA SER A 246 -12.00 7.09 16.88
C SER A 246 -12.98 6.15 16.20
N VAL A 247 -13.45 5.17 16.96
CA VAL A 247 -14.41 4.17 16.48
C VAL A 247 -14.99 3.50 17.72
N SER A 248 -16.23 3.03 17.62
CA SER A 248 -16.85 2.35 18.77
C SER A 248 -16.23 0.98 18.92
N PRO A 249 -15.77 0.63 20.12
CA PRO A 249 -15.15 -0.67 20.38
C PRO A 249 -15.96 -1.84 19.82
N SER A 250 -17.27 -1.81 20.01
CA SER A 250 -18.13 -2.89 19.52
C SER A 250 -18.24 -2.91 18.00
N THR A 251 -17.81 -1.83 17.37
CA THR A 251 -17.85 -1.70 15.92
C THR A 251 -16.51 -2.09 15.32
N ASN A 252 -15.48 -2.02 16.13
CA ASN A 252 -14.12 -2.30 15.69
C ASN A 252 -13.86 -3.78 15.43
N LEU A 253 -13.67 -4.12 14.16
CA LEU A 253 -13.39 -5.51 13.79
C LEU A 253 -12.05 -5.60 13.03
N ASP B 62 21.15 1.47 8.31
CA ASP B 62 19.80 0.88 8.59
C ASP B 62 19.29 -0.01 7.45
N TRP B 63 19.16 0.58 6.26
CA TRP B 63 18.73 -0.15 5.08
C TRP B 63 19.95 -0.18 4.17
N PHE B 64 19.88 -0.90 3.06
CA PHE B 64 21.04 -0.96 2.18
C PHE B 64 20.78 -0.59 0.74
N ASP B 65 21.69 0.23 0.21
CA ASP B 65 21.59 0.76 -1.14
C ASP B 65 22.46 0.04 -2.14
N THR B 66 21.85 -0.49 -3.20
CA THR B 66 22.59 -1.23 -4.21
C THR B 66 23.38 -0.34 -5.17
N GLY B 67 22.91 0.89 -5.36
CA GLY B 67 23.58 1.77 -6.30
C GLY B 67 23.04 1.41 -7.67
N MET B 68 23.47 2.10 -8.72
CA MET B 68 22.97 1.77 -10.05
C MET B 68 23.53 0.44 -10.49
N ILE B 69 22.68 -0.41 -11.02
CA ILE B 69 23.11 -1.71 -11.50
C ILE B 69 22.42 -1.96 -12.82
N THR B 70 23.18 -2.49 -13.78
CA THR B 70 22.65 -2.78 -15.08
C THR B 70 22.24 -4.24 -15.18
N SER B 71 21.04 -4.49 -15.69
CA SER B 71 20.54 -5.85 -15.81
C SER B 71 19.95 -6.08 -17.18
N TYR B 72 20.10 -7.30 -17.70
CA TYR B 72 19.53 -7.61 -19.00
C TYR B 72 18.09 -7.96 -18.68
N LEU B 73 17.17 -7.20 -19.26
CA LEU B 73 15.76 -7.42 -19.01
C LEU B 73 15.18 -8.48 -19.95
N GLY B 74 15.74 -8.57 -21.15
CA GLY B 74 15.26 -9.52 -22.13
C GLY B 74 15.29 -8.89 -23.50
N GLY B 75 15.04 -9.69 -24.53
CA GLY B 75 15.07 -9.13 -25.87
C GLY B 75 13.71 -8.58 -26.27
N PHE B 76 13.70 -7.77 -27.32
CA PHE B 76 12.47 -7.19 -27.84
C PHE B 76 12.05 -8.15 -28.95
N GLN B 77 11.00 -8.93 -28.67
CA GLN B 77 10.50 -9.92 -29.62
C GLN B 77 9.36 -9.40 -30.45
N ARG B 78 9.35 -9.74 -31.73
CA ARG B 78 8.24 -9.35 -32.58
C ARG B 78 7.74 -10.61 -33.23
N THR B 79 6.52 -10.97 -32.90
CA THR B 79 5.91 -12.16 -33.46
C THR B 79 5.13 -11.78 -34.69
N ALA B 80 5.17 -12.65 -35.69
CA ALA B 80 4.49 -12.40 -36.94
C ALA B 80 2.98 -12.34 -36.81
N GLY B 81 2.37 -11.54 -37.68
CA GLY B 81 0.93 -11.40 -37.69
C GLY B 81 0.27 -10.62 -36.58
N THR B 82 0.94 -10.47 -35.44
CA THR B 82 0.34 -9.74 -34.34
C THR B 82 1.28 -8.73 -33.71
N THR B 83 0.72 -7.63 -33.23
CA THR B 83 1.54 -6.61 -32.59
C THR B 83 1.95 -7.11 -31.22
N ASP B 84 3.27 -7.19 -31.04
CA ASP B 84 3.88 -7.64 -29.80
C ASP B 84 3.35 -6.81 -28.62
N SER B 85 3.47 -7.37 -27.41
CA SER B 85 3.06 -6.69 -26.19
C SER B 85 3.59 -7.46 -25.01
N GLN B 86 4.84 -7.17 -24.66
CA GLN B 86 5.51 -7.81 -23.54
C GLN B 86 5.28 -6.99 -22.29
N VAL B 87 5.01 -7.65 -21.17
CA VAL B 87 4.77 -6.96 -19.92
C VAL B 87 5.73 -7.43 -18.85
N PHE B 88 6.43 -6.49 -18.23
CA PHE B 88 7.38 -6.84 -17.18
C PHE B 88 6.94 -6.27 -15.86
N ILE B 89 6.88 -7.10 -14.85
CA ILE B 89 6.49 -6.63 -13.54
C ILE B 89 7.72 -5.96 -12.94
N VAL B 90 7.54 -4.80 -12.31
CA VAL B 90 8.66 -4.10 -11.72
C VAL B 90 9.06 -4.77 -10.41
N SER B 91 10.06 -5.63 -10.50
CA SER B 91 10.57 -6.37 -9.35
C SER B 91 11.98 -6.85 -9.66
N PRO B 92 12.84 -6.99 -8.64
CA PRO B 92 14.22 -7.42 -8.81
C PRO B 92 14.31 -8.93 -9.02
N ALA B 93 13.27 -9.63 -8.58
CA ALA B 93 13.21 -11.09 -8.65
C ALA B 93 13.98 -11.78 -9.77
N ALA B 94 13.67 -11.44 -11.01
CA ALA B 94 14.32 -12.08 -12.16
C ALA B 94 15.68 -11.56 -12.59
N LEU B 95 16.18 -10.50 -11.96
CA LEU B 95 17.46 -9.93 -12.36
C LEU B 95 18.64 -10.79 -11.92
N ASP B 96 19.57 -11.03 -12.85
CA ASP B 96 20.74 -11.84 -12.59
C ASP B 96 21.45 -11.55 -11.27
N ARG B 97 21.92 -10.32 -11.09
CA ARG B 97 22.62 -9.95 -9.87
C ARG B 97 21.69 -9.39 -8.80
N VAL B 98 20.91 -8.40 -9.17
CA VAL B 98 20.01 -7.79 -8.19
C VAL B 98 19.10 -8.84 -7.58
N GLY B 99 18.56 -9.72 -8.42
CA GLY B 99 17.67 -10.75 -7.92
C GLY B 99 18.32 -11.58 -6.83
N THR B 100 19.58 -11.93 -7.03
CA THR B 100 20.32 -12.73 -6.06
C THR B 100 20.53 -11.96 -4.76
N ILE B 101 21.04 -10.75 -4.87
CA ILE B 101 21.30 -9.93 -3.71
C ILE B 101 20.01 -9.72 -2.92
N ALA B 102 18.96 -9.34 -3.65
CA ALA B 102 17.67 -9.06 -3.03
C ALA B 102 17.11 -10.23 -2.24
N LYS B 103 17.47 -11.44 -2.63
CA LYS B 103 16.91 -12.60 -1.94
C LYS B 103 17.24 -12.66 -0.46
N ALA B 104 18.31 -11.99 -0.04
CA ALA B 104 18.68 -12.01 1.37
C ALA B 104 17.97 -10.92 2.17
N TYR B 105 17.05 -10.21 1.54
CA TYR B 105 16.32 -9.14 2.21
C TYR B 105 14.81 -9.30 2.09
N ALA B 106 14.07 -8.75 3.03
CA ALA B 106 12.62 -8.89 3.03
C ALA B 106 11.88 -7.77 2.34
N LEU B 107 12.41 -6.55 2.43
CA LEU B 107 11.75 -5.37 1.84
C LEU B 107 12.62 -4.68 0.81
N TRP B 108 11.98 -3.90 -0.06
CA TRP B 108 12.72 -3.16 -1.07
C TRP B 108 11.94 -1.94 -1.49
N ARG B 109 12.65 -0.97 -2.07
CA ARG B 109 12.05 0.25 -2.55
C ARG B 109 12.82 0.69 -3.79
N PRO B 110 12.12 1.01 -4.88
CA PRO B 110 12.77 1.44 -6.11
C PRO B 110 13.16 2.91 -6.02
N LYS B 111 14.42 3.22 -6.26
CA LYS B 111 14.84 4.62 -6.25
C LYS B 111 14.97 5.06 -7.69
N HIS B 112 15.41 4.15 -8.55
CA HIS B 112 15.56 4.45 -9.97
C HIS B 112 15.27 3.17 -10.73
N TRP B 113 14.39 3.25 -11.70
CA TRP B 113 14.03 2.08 -12.49
C TRP B 113 13.78 2.56 -13.90
N GLU B 114 14.82 2.50 -14.72
CA GLU B 114 14.72 2.99 -16.08
C GLU B 114 15.19 1.96 -17.09
N ILE B 115 14.39 1.76 -18.12
CA ILE B 115 14.71 0.81 -19.17
C ILE B 115 15.27 1.54 -20.37
N VAL B 116 16.40 1.07 -20.88
CA VAL B 116 16.97 1.69 -22.08
C VAL B 116 17.04 0.61 -23.14
N TYR B 117 16.53 0.95 -24.31
CA TYR B 117 16.49 0.04 -25.45
C TYR B 117 17.70 0.22 -26.34
N LEU B 118 18.33 -0.88 -26.72
CA LEU B 118 19.49 -0.80 -27.61
C LEU B 118 19.18 -1.68 -28.80
N PRO B 119 19.25 -1.12 -30.01
CA PRO B 119 18.96 -1.86 -31.25
C PRO B 119 20.04 -2.86 -31.59
N ARG B 120 19.71 -3.81 -32.47
CA ARG B 120 20.65 -4.81 -32.92
C ARG B 120 20.27 -5.19 -34.34
N CYS B 121 19.47 -4.35 -34.97
CA CYS B 121 19.00 -4.61 -36.32
C CYS B 121 19.52 -3.60 -37.35
N SER B 122 19.21 -3.89 -38.61
CA SER B 122 19.62 -3.08 -39.74
C SER B 122 18.74 -1.85 -39.91
N THR B 123 19.33 -0.78 -40.43
CA THR B 123 18.60 0.46 -40.63
C THR B 123 17.49 0.29 -41.66
N GLN B 124 17.43 -0.88 -42.30
CA GLN B 124 16.39 -1.12 -43.29
C GLN B 124 15.12 -1.65 -42.61
N THR B 125 15.28 -2.20 -41.41
CA THR B 125 14.17 -2.75 -40.64
C THR B 125 13.03 -1.76 -40.46
N ASP B 126 11.80 -2.23 -40.58
CA ASP B 126 10.64 -1.35 -40.43
C ASP B 126 10.07 -1.40 -39.03
N GLY B 127 9.23 -0.42 -38.73
CA GLY B 127 8.57 -0.39 -37.44
C GLY B 127 9.29 0.33 -36.33
N SER B 128 8.54 0.55 -35.25
CA SER B 128 9.06 1.22 -34.07
C SER B 128 8.71 0.39 -32.84
N ILE B 129 9.29 0.79 -31.72
CA ILE B 129 9.02 0.13 -30.44
C ILE B 129 8.35 1.20 -29.59
N GLU B 130 7.48 0.78 -28.68
CA GLU B 130 6.80 1.73 -27.81
C GLU B 130 6.95 1.21 -26.40
N MET B 131 7.24 2.10 -25.46
CA MET B 131 7.44 1.69 -24.08
C MET B 131 6.71 2.62 -23.14
N GLY B 132 6.32 2.11 -21.98
CA GLY B 132 5.62 2.92 -21.02
C GLY B 132 5.33 2.14 -19.75
N PHE B 133 4.82 2.80 -18.74
CA PHE B 133 4.50 2.15 -17.48
C PHE B 133 3.02 2.24 -17.13
N LEU B 134 2.54 1.25 -16.38
CA LEU B 134 1.17 1.21 -15.91
C LEU B 134 1.29 1.20 -14.40
N LEU B 135 0.68 2.19 -13.75
CA LEU B 135 0.79 2.32 -12.30
C LEU B 135 -0.29 1.62 -11.46
N ASP B 136 -1.32 1.11 -12.11
CA ASP B 136 -2.39 0.40 -11.39
C ASP B 136 -2.49 -0.97 -12.01
N TYR B 137 -2.28 -2.01 -11.23
CA TYR B 137 -2.34 -3.36 -11.76
C TYR B 137 -3.70 -3.69 -12.39
N ALA B 138 -4.73 -2.96 -11.99
CA ALA B 138 -6.07 -3.19 -12.53
C ALA B 138 -6.23 -2.59 -13.92
N ASP B 139 -5.48 -1.55 -14.24
CA ASP B 139 -5.59 -0.93 -15.55
C ASP B 139 -5.24 -1.94 -16.62
N SER B 140 -5.94 -1.89 -17.75
CA SER B 140 -5.69 -2.83 -18.82
C SER B 140 -4.49 -2.40 -19.66
N VAL B 141 -3.88 -3.35 -20.34
CA VAL B 141 -2.72 -3.09 -21.17
C VAL B 141 -3.13 -2.50 -22.51
N PRO B 142 -2.49 -1.40 -22.93
CA PRO B 142 -2.77 -0.72 -24.21
C PRO B 142 -2.70 -1.67 -25.39
N THR B 143 -3.69 -1.55 -26.28
CA THR B 143 -3.76 -2.40 -27.45
C THR B 143 -3.40 -1.68 -28.75
N ASN B 144 -3.36 -0.35 -28.71
CA ASN B 144 -2.99 0.41 -29.90
C ASN B 144 -2.03 1.52 -29.50
N THR B 145 -1.49 2.22 -30.49
CA THR B 145 -0.55 3.27 -30.21
C THR B 145 -1.15 4.49 -29.52
N ARG B 146 -2.28 4.99 -30.00
CA ARG B 146 -2.86 6.17 -29.36
C ARG B 146 -3.03 5.97 -27.86
N THR B 147 -3.46 4.78 -27.49
CA THR B 147 -3.67 4.43 -26.10
C THR B 147 -2.36 4.32 -25.36
N MET B 148 -1.39 3.70 -26.00
CA MET B 148 -0.06 3.51 -25.43
C MET B 148 0.58 4.87 -25.18
N ALA B 149 0.32 5.82 -26.08
CA ALA B 149 0.88 7.15 -25.99
C ALA B 149 0.40 7.98 -24.80
N SER B 150 -0.52 7.43 -24.03
CA SER B 150 -1.05 8.12 -22.85
C SER B 150 -0.53 7.50 -21.57
N SER B 151 0.34 6.50 -21.70
CA SER B 151 0.88 5.86 -20.51
C SER B 151 2.02 6.67 -19.91
N THR B 152 2.42 6.30 -18.70
CA THR B 152 3.48 7.00 -18.02
C THR B 152 4.86 6.74 -18.63
N SER B 153 5.59 7.83 -18.90
CA SER B 153 6.92 7.75 -19.49
C SER B 153 6.93 7.10 -20.85
N PHE B 154 5.92 7.41 -21.65
CA PHE B 154 5.82 6.87 -22.99
C PHE B 154 7.05 7.26 -23.82
N THR B 155 7.56 6.31 -24.61
CA THR B 155 8.72 6.53 -25.46
C THR B 155 8.53 5.67 -26.69
N THR B 156 8.91 6.18 -27.86
CA THR B 156 8.78 5.39 -29.07
C THR B 156 9.86 5.77 -30.05
N SER B 157 10.38 4.79 -30.77
CA SER B 157 11.45 5.05 -31.70
C SER B 157 11.60 3.98 -32.76
N ASN B 158 12.25 4.30 -33.87
CA ASN B 158 12.47 3.31 -34.90
C ASN B 158 13.12 2.14 -34.21
N VAL B 159 12.77 0.95 -34.66
CA VAL B 159 13.28 -0.26 -34.08
C VAL B 159 14.82 -0.35 -34.15
N TRP B 160 15.44 0.45 -35.03
CA TRP B 160 16.90 0.45 -35.17
C TRP B 160 17.58 1.63 -34.48
N GLY B 161 16.81 2.45 -33.76
CA GLY B 161 17.40 3.59 -33.09
C GLY B 161 17.76 3.32 -31.64
N GLY B 162 18.41 4.28 -30.99
CA GLY B 162 18.76 4.13 -29.59
C GLY B 162 20.21 3.81 -29.30
N GLY B 163 21.01 3.65 -30.35
CA GLY B 163 22.41 3.33 -30.17
C GLY B 163 23.19 4.27 -29.27
N ASP B 164 22.73 5.51 -29.11
CA ASP B 164 23.44 6.47 -28.27
C ASP B 164 23.21 6.26 -26.79
N GLY B 165 22.32 5.34 -26.46
CA GLY B 165 22.04 5.07 -25.06
C GLY B 165 23.06 4.15 -24.45
N SER B 166 23.92 3.59 -25.29
CA SER B 166 24.94 2.67 -24.83
C SER B 166 25.67 3.09 -23.55
N SER B 167 26.17 4.32 -23.53
CA SER B 167 26.90 4.80 -22.37
C SER B 167 26.10 4.79 -21.07
N LEU B 168 24.78 4.93 -21.15
CA LEU B 168 23.97 4.94 -19.95
C LEU B 168 24.10 3.67 -19.11
N LEU B 169 24.57 2.59 -19.71
CA LEU B 169 24.69 1.33 -18.99
C LEU B 169 25.79 1.26 -17.95
N HIS B 170 26.80 2.12 -18.06
CA HIS B 170 27.87 2.09 -17.08
C HIS B 170 28.02 3.45 -16.41
N THR B 171 27.11 4.36 -16.73
CA THR B 171 27.15 5.68 -16.15
C THR B 171 25.90 5.90 -15.31
N SER B 172 25.73 7.13 -14.84
CA SER B 172 24.58 7.49 -14.03
C SER B 172 23.99 8.79 -14.55
N MET B 173 24.42 9.19 -15.75
CA MET B 173 23.94 10.40 -16.41
C MET B 173 22.46 10.27 -16.68
N LYS B 174 21.81 11.38 -16.98
CA LYS B 174 20.39 11.33 -17.30
C LYS B 174 20.29 11.02 -18.78
N SER B 175 19.26 10.28 -19.15
CA SER B 175 19.04 9.93 -20.54
C SER B 175 19.03 11.21 -21.37
N MET B 176 19.82 11.23 -22.42
CA MET B 176 19.86 12.41 -23.26
C MET B 176 20.32 12.03 -24.66
N GLY B 177 20.06 12.92 -25.60
CA GLY B 177 20.43 12.66 -26.97
C GLY B 177 19.41 11.75 -27.62
N ASN B 178 19.90 10.92 -28.54
CA ASN B 178 19.04 10.02 -29.26
C ASN B 178 18.80 8.71 -28.52
N ALA B 179 18.98 8.75 -27.19
CA ALA B 179 18.77 7.58 -26.36
C ALA B 179 17.30 7.26 -26.23
N VAL B 180 16.96 5.97 -26.29
CA VAL B 180 15.59 5.53 -26.18
C VAL B 180 15.40 4.91 -24.80
N THR B 181 14.85 5.71 -23.89
CA THR B 181 14.67 5.22 -22.53
C THR B 181 13.30 5.56 -22.00
N SER B 182 12.93 4.89 -20.92
CA SER B 182 11.66 5.09 -20.27
C SER B 182 11.90 4.86 -18.78
N ALA B 183 11.75 5.91 -17.98
CA ALA B 183 12.01 5.78 -16.55
C ALA B 183 10.79 5.91 -15.67
N LEU B 184 10.67 5.00 -14.72
CA LEU B 184 9.55 5.02 -13.79
C LEU B 184 9.75 6.12 -12.77
N PRO B 185 8.76 7.01 -12.64
CA PRO B 185 8.87 8.12 -11.67
C PRO B 185 8.78 7.49 -10.27
N CYS B 186 9.93 7.33 -9.62
CA CYS B 186 9.95 6.68 -8.31
C CYS B 186 9.59 7.49 -7.08
N ASP B 187 9.36 8.79 -7.26
CA ASP B 187 9.00 9.64 -6.14
C ASP B 187 7.75 9.06 -5.48
N GLU B 188 6.92 8.41 -6.29
CA GLU B 188 5.70 7.81 -5.82
C GLU B 188 5.90 6.80 -4.68
N PHE B 189 7.07 6.18 -4.64
CA PHE B 189 7.34 5.16 -3.62
C PHE B 189 8.32 5.56 -2.55
N SER B 190 8.69 6.82 -2.51
CA SER B 190 9.68 7.27 -1.54
C SER B 190 9.38 6.99 -0.07
N ASN B 191 8.14 6.64 0.26
CA ASN B 191 7.81 6.36 1.65
C ASN B 191 7.32 4.95 1.88
N LYS B 192 7.26 4.16 0.82
CA LYS B 192 6.79 2.80 0.94
C LYS B 192 7.90 1.77 0.92
N TRP B 193 7.60 0.60 1.49
CA TRP B 193 8.52 -0.54 1.53
C TRP B 193 7.72 -1.71 0.95
N PHE B 194 8.16 -2.26 -0.17
CA PHE B 194 7.45 -3.39 -0.74
C PHE B 194 8.07 -4.68 -0.24
N LYS B 195 7.26 -5.73 -0.15
CA LYS B 195 7.77 -7.01 0.30
C LYS B 195 8.28 -7.75 -0.94
N LEU B 196 9.53 -8.20 -0.90
CA LEU B 196 10.10 -8.92 -2.03
C LEU B 196 9.39 -10.24 -2.27
N SER B 197 8.89 -10.42 -3.49
CA SER B 197 8.18 -11.64 -3.86
C SER B 197 8.84 -12.35 -5.03
N TRP B 198 8.95 -13.67 -4.93
CA TRP B 198 9.57 -14.45 -5.99
C TRP B 198 8.63 -15.33 -6.80
N SER B 199 7.32 -15.19 -6.56
CA SER B 199 6.36 -16.00 -7.28
C SER B 199 5.55 -15.15 -8.25
N THR B 200 5.02 -15.78 -9.28
CA THR B 200 4.22 -15.09 -10.27
C THR B 200 2.80 -14.98 -9.74
N PRO B 201 2.13 -13.85 -10.01
CA PRO B 201 0.76 -13.66 -9.55
C PRO B 201 -0.18 -14.69 -10.15
N GLU B 202 -1.07 -15.24 -9.32
CA GLU B 202 -2.06 -16.22 -9.76
C GLU B 202 -2.98 -15.60 -10.80
N GLU B 203 -3.56 -16.42 -11.67
CA GLU B 203 -4.48 -15.91 -12.67
C GLU B 203 -5.70 -15.40 -11.90
N SER B 204 -6.06 -16.18 -10.89
CA SER B 204 -7.19 -15.90 -10.04
C SER B 204 -7.02 -14.76 -9.05
N GLU B 205 -5.79 -14.32 -8.80
CA GLU B 205 -5.55 -13.25 -7.85
C GLU B 205 -6.23 -11.96 -8.29
N ASN B 206 -6.92 -11.32 -7.36
CA ASN B 206 -7.62 -10.07 -7.65
C ASN B 206 -6.59 -8.99 -7.96
N ALA B 207 -6.80 -8.26 -9.06
CA ALA B 207 -5.87 -7.20 -9.46
C ALA B 207 -5.55 -6.24 -8.33
N HIS B 208 -6.57 -5.84 -7.58
CA HIS B 208 -6.34 -4.91 -6.47
C HIS B 208 -5.35 -5.46 -5.47
N LEU B 209 -5.33 -6.78 -5.31
CA LEU B 209 -4.41 -7.41 -4.36
C LEU B 209 -2.99 -7.36 -4.91
N THR B 210 -2.84 -7.79 -6.16
CA THR B 210 -1.53 -7.81 -6.79
C THR B 210 -0.93 -6.42 -6.73
N ASP B 211 -1.76 -5.44 -6.98
CA ASP B 211 -1.33 -4.05 -6.97
C ASP B 211 -0.62 -3.65 -5.68
N THR B 212 -0.93 -4.31 -4.58
CA THR B 212 -0.32 -3.94 -3.30
C THR B 212 1.15 -4.29 -3.18
N TYR B 213 1.64 -5.22 -3.98
CA TYR B 213 3.05 -5.58 -3.89
C TYR B 213 3.79 -5.45 -5.23
N VAL B 214 3.12 -4.85 -6.20
CA VAL B 214 3.74 -4.62 -7.51
C VAL B 214 3.77 -3.11 -7.76
N PRO B 215 4.95 -2.49 -7.62
CA PRO B 215 5.11 -1.05 -7.82
C PRO B 215 4.47 -0.59 -9.12
N ALA B 216 4.70 -1.31 -10.20
CA ALA B 216 4.14 -0.95 -11.50
C ALA B 216 4.49 -2.01 -12.53
N ARG B 217 3.97 -1.84 -13.74
CA ARG B 217 4.24 -2.77 -14.83
C ARG B 217 4.85 -1.99 -15.98
N PHE B 218 5.86 -2.58 -16.62
CA PHE B 218 6.51 -1.95 -17.75
C PHE B 218 5.97 -2.64 -18.99
N VAL B 219 5.54 -1.87 -19.97
CA VAL B 219 4.99 -2.44 -21.19
C VAL B 219 5.78 -2.08 -22.43
N VAL B 220 5.99 -3.06 -23.29
CA VAL B 220 6.71 -2.85 -24.53
C VAL B 220 5.80 -3.31 -25.66
N ARG B 221 5.68 -2.51 -26.71
CA ARG B 221 4.79 -2.84 -27.81
C ARG B 221 5.44 -2.60 -29.16
N SER B 222 4.89 -3.23 -30.18
CA SER B 222 5.35 -3.08 -31.55
C SER B 222 4.25 -2.22 -32.17
N ASP B 223 4.57 -1.31 -33.09
CA ASP B 223 3.53 -0.45 -33.66
C ASP B 223 2.70 -1.09 -34.76
N PHE B 224 3.27 -2.10 -35.41
CA PHE B 224 2.60 -2.75 -36.53
C PHE B 224 3.05 -4.21 -36.65
N PRO B 225 2.19 -5.09 -37.18
CA PRO B 225 2.48 -6.51 -37.36
C PRO B 225 3.56 -6.77 -38.39
N VAL B 226 4.50 -7.66 -38.05
CA VAL B 226 5.56 -8.01 -38.99
C VAL B 226 5.21 -9.33 -39.67
N VAL B 227 5.78 -9.54 -40.84
CA VAL B 227 5.53 -10.77 -41.58
C VAL B 227 6.32 -11.91 -40.95
N THR B 228 7.59 -11.65 -40.66
CA THR B 228 8.47 -12.66 -40.07
C THR B 228 8.89 -12.24 -38.67
N ALA B 229 8.83 -13.16 -37.73
CA ALA B 229 9.22 -12.88 -36.36
C ALA B 229 10.70 -12.53 -36.30
N ASP B 230 11.07 -11.66 -35.35
CA ASP B 230 12.46 -11.25 -35.17
C ASP B 230 12.69 -10.60 -33.82
N GLN B 231 13.94 -10.28 -33.54
CA GLN B 231 14.32 -9.65 -32.28
C GLN B 231 15.19 -8.43 -32.65
N PRO B 232 14.55 -7.28 -32.92
CA PRO B 232 15.18 -6.02 -33.30
C PRO B 232 16.12 -5.38 -32.30
N GLY B 233 15.94 -5.67 -31.01
CA GLY B 233 16.79 -5.06 -30.01
C GLY B 233 16.75 -5.68 -28.64
N HIS B 234 17.50 -5.10 -27.72
CA HIS B 234 17.59 -5.59 -26.35
C HIS B 234 17.01 -4.59 -25.38
N LEU B 235 16.43 -5.08 -24.30
CA LEU B 235 15.86 -4.23 -23.26
C LEU B 235 16.77 -4.29 -22.05
N TRP B 236 17.33 -3.14 -21.68
CA TRP B 236 18.23 -3.07 -20.54
C TRP B 236 17.66 -2.27 -19.39
N LEU B 237 18.02 -2.66 -18.17
CA LEU B 237 17.51 -1.96 -17.00
C LEU B 237 18.60 -1.35 -16.15
N ARG B 238 18.43 -0.06 -15.82
CA ARG B 238 19.36 0.62 -14.92
C ARG B 238 18.48 0.76 -13.71
N SER B 239 18.87 0.20 -12.59
CA SER B 239 18.04 0.33 -11.42
C SER B 239 18.87 0.61 -10.19
N ARG B 240 18.21 1.18 -9.20
CA ARG B 240 18.85 1.46 -7.92
C ARG B 240 17.73 1.21 -6.96
N ILE B 241 17.97 0.36 -5.98
CA ILE B 241 16.93 0.06 -5.02
C ILE B 241 17.49 -0.01 -3.62
N LEU B 242 16.60 0.07 -2.65
CA LEU B 242 16.97 -0.02 -1.26
C LEU B 242 16.46 -1.35 -0.75
N LEU B 243 17.27 -2.06 0.01
CA LEU B 243 16.90 -3.34 0.55
C LEU B 243 16.91 -3.21 2.06
N LYS B 244 15.92 -3.81 2.71
CA LYS B 244 15.85 -3.72 4.16
C LYS B 244 15.19 -4.95 4.73
N GLY B 245 15.58 -5.32 5.94
CA GLY B 245 14.98 -6.47 6.57
C GLY B 245 15.72 -7.76 6.26
N SER B 246 16.10 -8.46 7.30
CA SER B 246 16.83 -9.69 7.17
C SER B 246 15.95 -10.94 7.06
N VAL B 247 16.28 -11.83 6.13
CA VAL B 247 15.58 -13.11 5.94
C VAL B 247 16.49 -14.11 5.28
N SER B 248 16.18 -15.38 5.45
CA SER B 248 16.98 -16.42 4.83
C SER B 248 16.52 -16.52 3.38
N PRO B 249 17.47 -16.48 2.44
CA PRO B 249 17.11 -16.58 1.03
C PRO B 249 16.12 -17.72 0.73
N SER B 250 16.38 -18.87 1.34
CA SER B 250 15.52 -20.03 1.10
C SER B 250 14.10 -19.89 1.63
N THR B 251 13.87 -19.03 2.61
CA THR B 251 12.51 -18.87 3.15
C THR B 251 11.85 -17.64 2.55
N ASN B 252 12.57 -16.94 1.68
CA ASN B 252 12.06 -15.73 1.05
C ASN B 252 11.21 -16.05 -0.18
N LEU B 253 9.91 -15.85 -0.06
CA LEU B 253 9.00 -16.13 -1.17
C LEU B 253 8.23 -14.87 -1.59
N VAL C 36 23.75 28.31 -56.71
CA VAL C 36 23.10 27.68 -57.91
C VAL C 36 22.89 26.17 -57.74
N SER C 37 23.85 25.50 -57.08
CA SER C 37 23.78 24.06 -56.87
C SER C 37 23.92 23.68 -55.39
N ARG C 38 22.99 22.85 -54.90
CA ARG C 38 23.00 22.42 -53.51
C ARG C 38 23.25 20.92 -53.39
N PRO C 39 24.11 20.49 -52.45
CA PRO C 39 24.44 19.08 -52.24
C PRO C 39 23.28 18.31 -51.63
N LEU C 40 23.22 17.02 -51.94
CA LEU C 40 22.20 16.13 -51.40
C LEU C 40 22.91 14.89 -50.88
N ASN C 41 22.59 14.49 -49.65
CA ASN C 41 23.22 13.33 -49.03
C ASN C 41 22.23 12.65 -48.13
N PRO C 42 21.22 11.98 -48.71
CA PRO C 42 20.17 11.27 -47.97
C PRO C 42 20.73 10.23 -47.03
N PRO C 43 20.06 10.00 -45.89
CA PRO C 43 20.47 9.01 -44.90
C PRO C 43 20.06 7.65 -45.44
N ALA C 44 20.43 6.59 -44.74
CA ALA C 44 20.04 5.25 -45.16
C ALA C 44 18.55 5.11 -44.88
N ALA C 45 18.11 5.73 -43.78
CA ALA C 45 16.72 5.71 -43.37
C ALA C 45 16.44 6.96 -42.53
N VAL C 46 15.17 7.23 -42.25
CA VAL C 46 14.82 8.39 -41.43
C VAL C 46 13.91 7.95 -40.32
N GLY C 47 13.99 8.63 -39.19
CA GLY C 47 13.16 8.27 -38.06
C GLY C 47 13.28 9.30 -36.95
N SER C 48 12.86 8.92 -35.75
CA SER C 48 12.91 9.83 -34.62
C SER C 48 12.77 9.07 -33.31
N THR C 49 12.94 9.80 -32.22
CA THR C 49 12.81 9.24 -30.89
C THR C 49 11.90 10.17 -30.10
N LEU C 50 10.77 9.66 -29.65
CA LEU C 50 9.80 10.43 -28.88
C LEU C 50 9.85 10.03 -27.44
N LYS C 51 9.88 11.02 -26.56
CA LYS C 51 9.87 10.77 -25.13
C LYS C 51 8.95 11.83 -24.59
N ALA C 52 7.72 11.45 -24.26
CA ALA C 52 6.77 12.42 -23.75
C ALA C 52 7.10 12.66 -22.29
N GLY C 53 6.69 13.81 -21.76
CA GLY C 53 6.95 14.05 -20.36
C GLY C 53 7.36 15.41 -19.85
N ARG C 54 7.06 16.49 -20.56
CA ARG C 54 7.42 17.82 -20.05
C ARG C 54 7.00 17.72 -18.58
N GLY C 55 5.71 17.48 -18.41
CA GLY C 55 5.08 17.35 -17.12
C GLY C 55 3.67 17.12 -17.57
N ARG C 56 3.56 16.78 -18.85
CA ARG C 56 2.29 16.49 -19.48
C ARG C 56 2.47 15.48 -20.60
N THR C 57 1.50 14.59 -20.70
CA THR C 57 1.49 13.54 -21.69
C THR C 57 0.22 13.65 -22.51
N ALA C 58 0.34 13.53 -23.83
CA ALA C 58 -0.82 13.61 -24.68
C ALA C 58 -1.68 14.83 -24.40
N GLY C 59 -1.04 15.99 -24.21
CA GLY C 59 -1.80 17.21 -23.96
C GLY C 59 -2.47 17.44 -22.62
N VAL C 60 -2.22 16.57 -21.65
CA VAL C 60 -2.83 16.76 -20.33
C VAL C 60 -1.75 16.62 -19.27
N SER C 61 -1.78 17.51 -18.29
CA SER C 61 -0.78 17.47 -17.23
C SER C 61 -0.68 16.10 -16.59
N ASP C 62 0.49 15.80 -16.03
CA ASP C 62 0.70 14.52 -15.36
C ASP C 62 0.43 14.65 -13.88
N TRP C 63 0.11 15.87 -13.45
CA TRP C 63 -0.16 16.14 -12.05
C TRP C 63 -1.27 17.18 -11.99
N PHE C 64 -2.20 17.02 -11.07
CA PHE C 64 -3.29 17.96 -10.99
C PHE C 64 -3.86 18.13 -9.59
N ASP C 65 -4.08 19.38 -9.20
CA ASP C 65 -4.64 19.69 -7.89
C ASP C 65 -5.96 20.41 -8.15
N THR C 66 -7.04 19.90 -7.60
CA THR C 66 -8.34 20.52 -7.81
C THR C 66 -8.55 21.77 -7.00
N GLY C 67 -7.84 21.88 -5.89
CA GLY C 67 -8.03 23.03 -5.03
C GLY C 67 -9.31 22.76 -4.27
N MET C 68 -9.74 23.66 -3.41
CA MET C 68 -10.97 23.45 -2.66
C MET C 68 -12.16 23.61 -3.58
N ILE C 69 -12.96 22.56 -3.71
CA ILE C 69 -14.13 22.64 -4.57
C ILE C 69 -15.36 22.22 -3.79
N THR C 70 -16.53 22.57 -4.31
CA THR C 70 -17.78 22.25 -3.67
C THR C 70 -18.69 21.55 -4.67
N SER C 71 -19.28 20.43 -4.25
CA SER C 71 -20.18 19.68 -5.11
C SER C 71 -21.24 18.98 -4.28
N TYR C 72 -22.31 18.55 -4.92
CA TYR C 72 -23.41 17.88 -4.22
C TYR C 72 -23.09 16.43 -3.91
N LEU C 73 -23.28 16.04 -2.65
CA LEU C 73 -23.01 14.65 -2.27
C LEU C 73 -24.27 13.81 -2.36
N GLY C 74 -25.32 14.25 -1.68
CA GLY C 74 -26.57 13.50 -1.71
C GLY C 74 -27.56 14.08 -0.72
N GLY C 75 -28.78 13.56 -0.72
CA GLY C 75 -29.76 14.07 0.21
C GLY C 75 -29.80 13.27 1.48
N PHE C 76 -30.30 13.86 2.55
CA PHE C 76 -30.42 13.16 3.82
C PHE C 76 -31.77 12.48 3.78
N GLN C 77 -31.75 11.18 3.52
CA GLN C 77 -32.98 10.40 3.42
C GLN C 77 -33.40 9.71 4.70
N ARG C 78 -34.60 10.01 5.14
CA ARG C 78 -35.13 9.42 6.36
C ARG C 78 -36.12 8.32 5.99
N THR C 79 -36.00 7.18 6.65
CA THR C 79 -36.90 6.05 6.38
C THR C 79 -37.47 5.46 7.67
N ALA C 80 -38.05 4.27 7.54
CA ALA C 80 -38.69 3.62 8.67
C ALA C 80 -37.87 2.69 9.56
N GLY C 81 -36.83 2.06 8.99
CA GLY C 81 -36.00 1.18 9.80
C GLY C 81 -35.04 1.97 10.67
N THR C 82 -34.67 1.42 11.82
CA THR C 82 -33.75 2.11 12.73
C THR C 82 -32.31 1.84 12.29
N THR C 83 -32.09 0.61 11.86
CA THR C 83 -30.79 0.16 11.38
C THR C 83 -30.35 1.01 10.17
N ASP C 84 -31.32 1.41 9.37
CA ASP C 84 -31.08 2.21 8.18
C ASP C 84 -30.16 3.40 8.34
N SER C 85 -29.17 3.44 7.46
CA SER C 85 -28.17 4.49 7.40
C SER C 85 -27.64 4.55 5.98
N GLN C 86 -27.13 5.71 5.58
CA GLN C 86 -26.59 5.88 4.23
C GLN C 86 -25.08 5.86 4.28
N VAL C 87 -24.47 5.18 3.31
CA VAL C 87 -23.02 5.08 3.27
C VAL C 87 -22.47 5.66 1.98
N PHE C 88 -21.46 6.51 2.09
CA PHE C 88 -20.83 7.11 0.91
C PHE C 88 -19.35 6.80 0.91
N ILE C 89 -18.88 6.14 -0.14
CA ILE C 89 -17.48 5.80 -0.23
C ILE C 89 -16.65 6.99 -0.69
N VAL C 90 -15.57 7.29 0.03
CA VAL C 90 -14.71 8.39 -0.36
C VAL C 90 -13.98 8.04 -1.65
N SER C 91 -14.37 8.68 -2.75
CA SER C 91 -13.79 8.40 -4.04
C SER C 91 -14.10 9.51 -5.03
N PRO C 92 -13.20 9.76 -5.99
CA PRO C 92 -13.40 10.80 -6.99
C PRO C 92 -14.66 10.53 -7.80
N ALA C 93 -15.11 9.28 -7.76
CA ALA C 93 -16.30 8.91 -8.49
C ALA C 93 -17.49 9.70 -7.95
N ALA C 94 -17.36 10.20 -6.72
CA ALA C 94 -18.43 10.97 -6.10
C ALA C 94 -18.55 12.36 -6.70
N LEU C 95 -17.51 12.81 -7.42
CA LEU C 95 -17.55 14.10 -8.08
C LEU C 95 -18.04 13.86 -9.50
N ASP C 96 -19.15 14.50 -9.87
CA ASP C 96 -19.72 14.30 -11.20
C ASP C 96 -18.84 14.81 -12.34
N ARG C 97 -18.55 16.12 -12.37
CA ARG C 97 -17.72 16.69 -13.43
C ARG C 97 -16.25 16.29 -13.21
N VAL C 98 -15.75 16.43 -11.99
CA VAL C 98 -14.36 16.08 -11.71
C VAL C 98 -14.08 14.62 -12.00
N GLY C 99 -15.10 13.78 -11.87
CA GLY C 99 -14.93 12.37 -12.15
C GLY C 99 -14.25 12.09 -13.48
N THR C 100 -14.86 12.50 -14.60
CA THR C 100 -14.25 12.22 -15.92
C THR C 100 -12.86 12.77 -16.07
N ILE C 101 -12.55 13.84 -15.36
CA ILE C 101 -11.22 14.40 -15.46
C ILE C 101 -10.25 13.44 -14.79
N ALA C 102 -10.63 12.96 -13.62
CA ALA C 102 -9.80 12.04 -12.87
C ALA C 102 -9.51 10.78 -13.68
N LYS C 103 -10.42 10.41 -14.56
CA LYS C 103 -10.22 9.21 -15.35
C LYS C 103 -8.95 9.23 -16.19
N ALA C 104 -8.36 10.41 -16.36
CA ALA C 104 -7.14 10.53 -17.16
C ALA C 104 -5.88 10.40 -16.32
N TYR C 105 -6.04 10.09 -15.04
CA TYR C 105 -4.92 9.95 -14.12
C TYR C 105 -4.93 8.57 -13.47
N ALA C 106 -3.76 8.13 -13.01
CA ALA C 106 -3.64 6.81 -12.40
C ALA C 106 -3.77 6.78 -10.90
N LEU C 107 -3.22 7.79 -10.23
CA LEU C 107 -3.23 7.88 -8.77
C LEU C 107 -3.96 9.10 -8.27
N TRP C 108 -4.35 9.08 -7.01
CA TRP C 108 -5.03 10.22 -6.41
C TRP C 108 -4.84 10.21 -4.91
N ARG C 109 -5.06 11.37 -4.28
CA ARG C 109 -4.95 11.48 -2.85
C ARG C 109 -5.90 12.55 -2.32
N PRO C 110 -6.62 12.25 -1.24
CA PRO C 110 -7.57 13.19 -0.64
C PRO C 110 -6.81 14.19 0.20
N LYS C 111 -7.00 15.48 -0.07
CA LYS C 111 -6.32 16.49 0.71
C LYS C 111 -7.31 17.10 1.69
N HIS C 112 -8.59 17.08 1.31
CA HIS C 112 -9.65 17.61 2.15
C HIS C 112 -10.94 16.97 1.67
N TRP C 113 -11.75 16.51 2.63
CA TRP C 113 -13.00 15.87 2.31
C TRP C 113 -13.93 16.12 3.47
N GLU C 114 -14.71 17.19 3.37
CA GLU C 114 -15.61 17.57 4.44
C GLU C 114 -17.05 17.70 3.95
N ILE C 115 -17.97 17.13 4.71
CA ILE C 115 -19.38 17.18 4.35
C ILE C 115 -20.09 18.23 5.19
N VAL C 116 -20.93 19.02 4.53
CA VAL C 116 -21.69 20.06 5.20
C VAL C 116 -23.16 19.73 5.04
N TYR C 117 -23.90 19.77 6.13
CA TYR C 117 -25.32 19.48 6.09
C TYR C 117 -26.10 20.77 5.98
N LEU C 118 -26.99 20.86 5.00
CA LEU C 118 -27.81 22.06 4.84
C LEU C 118 -29.27 21.69 5.02
N PRO C 119 -29.91 22.22 6.08
CA PRO C 119 -31.31 21.91 6.33
C PRO C 119 -32.27 22.64 5.40
N ARG C 120 -33.35 21.96 5.05
CA ARG C 120 -34.40 22.52 4.21
C ARG C 120 -35.71 21.90 4.67
N CYS C 121 -36.20 22.37 5.80
CA CYS C 121 -37.43 21.85 6.37
C CYS C 121 -37.98 22.78 7.45
N SER C 122 -39.21 22.53 7.86
CA SER C 122 -39.87 23.33 8.89
C SER C 122 -39.17 23.10 10.22
N THR C 123 -39.17 24.11 11.08
CA THR C 123 -38.54 23.97 12.39
C THR C 123 -39.46 23.20 13.33
N GLN C 124 -40.47 22.55 12.75
CA GLN C 124 -41.38 21.72 13.53
C GLN C 124 -40.99 20.27 13.30
N THR C 125 -39.98 20.07 12.46
CA THR C 125 -39.50 18.73 12.14
C THR C 125 -38.73 18.13 13.31
N ASP C 126 -39.15 16.95 13.77
CA ASP C 126 -38.48 16.29 14.87
C ASP C 126 -37.33 15.43 14.39
N GLY C 127 -36.47 15.05 15.31
CA GLY C 127 -35.35 14.19 14.97
C GLY C 127 -34.07 14.93 14.71
N SER C 128 -32.98 14.17 14.62
CA SER C 128 -31.68 14.73 14.36
C SER C 128 -30.93 13.92 13.32
N ILE C 129 -29.74 14.40 12.96
CA ILE C 129 -28.91 13.74 11.97
C ILE C 129 -27.57 13.44 12.62
N GLU C 130 -26.96 12.31 12.25
CA GLU C 130 -25.68 11.93 12.81
C GLU C 130 -24.78 11.56 11.64
N MET C 131 -23.56 12.09 11.61
CA MET C 131 -22.62 11.79 10.53
C MET C 131 -21.25 11.48 11.09
N GLY C 132 -20.48 10.71 10.34
CA GLY C 132 -19.15 10.36 10.78
C GLY C 132 -18.43 9.52 9.75
N PHE C 133 -17.16 9.24 10.00
CA PHE C 133 -16.36 8.45 9.08
C PHE C 133 -15.90 7.14 9.69
N LEU C 134 -15.76 6.12 8.83
CA LEU C 134 -15.27 4.82 9.22
C LEU C 134 -13.95 4.67 8.47
N LEU C 135 -12.86 4.51 9.19
CA LEU C 135 -11.54 4.41 8.58
C LEU C 135 -11.07 3.02 8.18
N ASP C 136 -11.79 1.99 8.64
CA ASP C 136 -11.44 0.61 8.31
C ASP C 136 -12.65 -0.02 7.64
N TYR C 137 -12.50 -0.46 6.41
CA TYR C 137 -13.60 -1.05 5.67
C TYR C 137 -14.17 -2.28 6.39
N ALA C 138 -13.37 -2.86 7.28
CA ALA C 138 -13.79 -4.03 8.02
C ALA C 138 -14.75 -3.67 9.16
N ASP C 139 -14.55 -2.50 9.77
CA ASP C 139 -15.41 -2.08 10.87
C ASP C 139 -16.86 -2.06 10.41
N SER C 140 -17.77 -2.37 11.33
CA SER C 140 -19.19 -2.40 11.00
C SER C 140 -19.83 -1.03 11.08
N VAL C 141 -20.95 -0.87 10.40
CA VAL C 141 -21.66 0.39 10.38
C VAL C 141 -22.53 0.54 11.62
N PRO C 142 -22.39 1.67 12.34
CA PRO C 142 -23.16 1.96 13.56
C PRO C 142 -24.66 1.83 13.33
N THR C 143 -25.36 1.31 14.33
CA THR C 143 -26.79 1.12 14.21
C THR C 143 -27.58 1.89 15.26
N ASN C 144 -26.87 2.61 16.13
CA ASN C 144 -27.54 3.41 17.15
C ASN C 144 -26.71 4.65 17.46
N THR C 145 -27.31 5.57 18.20
CA THR C 145 -26.63 6.80 18.54
C THR C 145 -25.36 6.58 19.36
N ARG C 146 -25.44 5.80 20.42
CA ARG C 146 -24.29 5.54 21.27
C ARG C 146 -23.05 5.13 20.50
N THR C 147 -23.27 4.29 19.50
CA THR C 147 -22.21 3.78 18.65
C THR C 147 -21.75 4.75 17.57
N MET C 148 -22.69 5.44 16.96
CA MET C 148 -22.41 6.41 15.91
C MET C 148 -21.52 7.52 16.47
N ALA C 149 -21.81 7.93 17.70
CA ALA C 149 -21.08 8.99 18.36
C ALA C 149 -19.58 8.73 18.43
N SER C 150 -19.18 7.48 18.28
CA SER C 150 -17.76 7.15 18.36
C SER C 150 -17.03 7.14 17.04
N SER C 151 -17.74 7.42 15.94
CA SER C 151 -17.10 7.42 14.63
C SER C 151 -16.19 8.64 14.50
N THR C 152 -15.29 8.58 13.52
CA THR C 152 -14.33 9.67 13.32
C THR C 152 -14.99 10.95 12.81
N SER C 153 -14.64 12.07 13.43
CA SER C 153 -15.19 13.37 13.06
C SER C 153 -16.71 13.36 13.16
N PHE C 154 -17.20 12.67 14.18
CA PHE C 154 -18.63 12.59 14.40
C PHE C 154 -19.21 13.96 14.66
N THR C 155 -20.45 14.15 14.23
CA THR C 155 -21.15 15.40 14.47
C THR C 155 -22.64 15.12 14.33
N THR C 156 -23.45 15.86 15.07
CA THR C 156 -24.88 15.67 15.04
C THR C 156 -25.62 16.98 15.29
N SER C 157 -26.90 17.01 14.94
CA SER C 157 -27.69 18.21 15.13
C SER C 157 -29.15 17.96 14.80
N ASN C 158 -30.05 18.81 15.32
CA ASN C 158 -31.48 18.65 15.01
C ASN C 158 -31.57 18.88 13.51
N VAL C 159 -32.48 18.16 12.84
CA VAL C 159 -32.60 18.28 11.39
C VAL C 159 -32.86 19.65 10.80
N TRP C 160 -33.29 20.61 11.59
CA TRP C 160 -33.49 21.93 11.01
C TRP C 160 -32.37 22.89 11.42
N GLY C 161 -31.33 22.34 12.04
CA GLY C 161 -30.21 23.16 12.46
C GLY C 161 -29.13 23.20 11.39
N GLY C 162 -28.12 24.04 11.59
CA GLY C 162 -27.03 24.11 10.63
C GLY C 162 -27.26 25.07 9.48
N GLY C 163 -28.22 25.98 9.63
CA GLY C 163 -28.49 26.93 8.57
C GLY C 163 -27.28 27.76 8.16
N ASP C 164 -26.44 28.14 9.11
CA ASP C 164 -25.28 28.95 8.80
C ASP C 164 -24.32 28.27 7.84
N GLY C 165 -24.43 26.96 7.74
CA GLY C 165 -23.54 26.24 6.85
C GLY C 165 -23.61 26.69 5.40
N SER C 166 -24.74 27.22 4.96
CA SER C 166 -24.87 27.63 3.56
C SER C 166 -23.82 28.65 3.11
N SER C 167 -23.25 29.39 4.05
CA SER C 167 -22.24 30.37 3.69
C SER C 167 -20.89 29.70 3.38
N LEU C 168 -20.69 28.48 3.87
CA LEU C 168 -19.45 27.76 3.63
C LEU C 168 -19.33 27.27 2.20
N LEU C 169 -20.46 27.17 1.50
CA LEU C 169 -20.41 26.67 0.14
C LEU C 169 -19.72 27.57 -0.86
N HIS C 170 -18.96 26.94 -1.75
CA HIS C 170 -18.20 27.59 -2.82
C HIS C 170 -17.04 28.46 -2.29
N THR C 171 -16.94 28.60 -0.97
CA THR C 171 -15.88 29.39 -0.35
C THR C 171 -14.90 28.45 0.36
N SER C 172 -13.78 28.99 0.82
CA SER C 172 -12.78 28.19 1.53
C SER C 172 -12.81 28.54 3.00
N MET C 173 -13.83 29.30 3.40
CA MET C 173 -14.01 29.69 4.78
C MET C 173 -13.96 28.47 5.70
N LYS C 174 -13.80 28.71 6.99
CA LYS C 174 -13.78 27.60 7.93
C LYS C 174 -15.08 27.56 8.71
N SER C 175 -15.50 26.34 9.04
CA SER C 175 -16.75 26.12 9.77
C SER C 175 -16.96 27.13 10.90
N MET C 176 -18.17 27.64 11.00
CA MET C 176 -18.52 28.59 12.06
C MET C 176 -20.02 28.82 12.08
N GLY C 177 -20.52 29.32 13.20
CA GLY C 177 -21.94 29.52 13.33
C GLY C 177 -22.45 28.16 13.72
N ASN C 178 -23.74 27.89 13.50
CA ASN C 178 -24.27 26.58 13.86
C ASN C 178 -23.98 25.55 12.77
N ALA C 179 -23.07 25.90 11.85
CA ALA C 179 -22.71 25.01 10.76
C ALA C 179 -22.47 23.57 11.23
N VAL C 180 -23.17 22.64 10.59
CA VAL C 180 -23.05 21.22 10.90
C VAL C 180 -22.14 20.60 9.85
N THR C 181 -20.92 20.26 10.24
CA THR C 181 -19.97 19.69 9.30
C THR C 181 -19.20 18.52 9.89
N SER C 182 -18.60 17.73 9.01
CA SER C 182 -17.80 16.57 9.40
C SER C 182 -16.67 16.44 8.39
N ALA C 183 -15.43 16.58 8.85
CA ALA C 183 -14.29 16.52 7.96
C ALA C 183 -13.35 15.35 8.19
N LEU C 184 -13.02 14.65 7.12
CA LEU C 184 -12.13 13.52 7.22
C LEU C 184 -10.72 14.02 7.49
N PRO C 185 -10.06 13.51 8.53
CA PRO C 185 -8.69 13.94 8.86
C PRO C 185 -7.78 13.36 7.79
N CYS C 186 -7.53 14.14 6.75
CA CYS C 186 -6.71 13.65 5.65
C CYS C 186 -5.22 13.57 5.91
N ASP C 187 -4.81 13.91 7.12
CA ASP C 187 -3.40 13.84 7.42
C ASP C 187 -2.93 12.39 7.35
N GLU C 188 -3.83 11.42 7.49
CA GLU C 188 -3.38 10.04 7.46
C GLU C 188 -3.04 9.57 6.06
N PHE C 189 -3.39 10.35 5.04
CA PHE C 189 -3.12 9.94 3.67
C PHE C 189 -2.03 10.78 3.01
N SER C 190 -1.40 11.66 3.77
CA SER C 190 -0.38 12.51 3.21
C SER C 190 0.83 11.83 2.59
N ASN C 191 0.98 10.53 2.78
CA ASN C 191 2.12 9.82 2.18
C ASN C 191 1.66 8.77 1.20
N LYS C 192 0.38 8.44 1.28
CA LYS C 192 -0.23 7.43 0.45
C LYS C 192 -0.69 7.97 -0.90
N TRP C 193 -0.74 7.08 -1.89
CA TRP C 193 -1.22 7.38 -3.23
C TRP C 193 -2.16 6.25 -3.54
N PHE C 194 -3.43 6.56 -3.75
CA PHE C 194 -4.39 5.51 -4.05
C PHE C 194 -4.50 5.37 -5.56
N LYS C 195 -4.82 4.17 -6.01
CA LYS C 195 -4.98 3.95 -7.44
C LYS C 195 -6.44 4.24 -7.73
N LEU C 196 -6.71 4.97 -8.80
CA LEU C 196 -8.08 5.28 -9.15
C LEU C 196 -8.81 4.04 -9.61
N SER C 197 -9.86 3.67 -8.88
CA SER C 197 -10.66 2.51 -9.22
C SER C 197 -12.05 3.01 -9.61
N TRP C 198 -12.57 2.50 -10.72
CA TRP C 198 -13.86 2.95 -11.19
C TRP C 198 -15.03 2.01 -10.98
N SER C 199 -14.74 0.77 -10.60
CA SER C 199 -15.79 -0.19 -10.35
C SER C 199 -16.09 -0.22 -8.85
N THR C 200 -17.31 -0.62 -8.51
CA THR C 200 -17.72 -0.70 -7.13
C THR C 200 -17.31 -2.03 -6.51
N PRO C 201 -16.93 -2.00 -5.22
CA PRO C 201 -16.52 -3.21 -4.50
C PRO C 201 -17.62 -4.28 -4.53
N GLU C 202 -17.25 -5.52 -4.80
CA GLU C 202 -18.23 -6.60 -4.83
C GLU C 202 -18.56 -7.08 -3.42
N GLU C 203 -19.46 -8.04 -3.32
CA GLU C 203 -19.84 -8.61 -2.04
C GLU C 203 -18.78 -9.62 -1.66
N SER C 204 -18.45 -10.45 -2.63
CA SER C 204 -17.45 -11.49 -2.47
C SER C 204 -16.08 -10.94 -2.07
N GLU C 205 -15.88 -9.63 -2.21
CA GLU C 205 -14.59 -9.07 -1.89
C GLU C 205 -14.32 -8.95 -0.41
N ASN C 206 -13.18 -9.50 -0.01
CA ASN C 206 -12.75 -9.48 1.39
C ASN C 206 -12.60 -8.02 1.83
N ALA C 207 -13.24 -7.67 2.94
CA ALA C 207 -13.17 -6.29 3.44
C ALA C 207 -11.73 -5.79 3.54
N HIS C 208 -10.82 -6.64 3.99
CA HIS C 208 -9.42 -6.25 4.11
C HIS C 208 -8.88 -5.80 2.77
N LEU C 209 -9.32 -6.43 1.68
CA LEU C 209 -8.83 -6.05 0.36
C LEU C 209 -9.43 -4.71 -0.07
N THR C 210 -10.74 -4.57 0.12
CA THR C 210 -11.42 -3.33 -0.26
C THR C 210 -10.76 -2.17 0.46
N ASP C 211 -10.40 -2.41 1.71
CA ASP C 211 -9.79 -1.38 2.52
C ASP C 211 -8.48 -0.84 1.95
N THR C 212 -7.82 -1.58 1.07
CA THR C 212 -6.56 -1.10 0.52
C THR C 212 -6.71 0.02 -0.50
N TYR C 213 -7.89 0.16 -1.08
CA TYR C 213 -8.07 1.22 -2.07
C TYR C 213 -9.23 2.17 -1.78
N VAL C 214 -9.81 2.05 -0.59
CA VAL C 214 -10.89 2.94 -0.17
C VAL C 214 -10.40 3.70 1.05
N PRO C 215 -10.11 5.01 0.89
CA PRO C 215 -9.63 5.83 2.00
C PRO C 215 -10.51 5.73 3.23
N ALA C 216 -11.82 5.81 3.03
CA ALA C 216 -12.76 5.72 4.14
C ALA C 216 -14.20 5.74 3.66
N ARG C 217 -15.13 5.52 4.59
CA ARG C 217 -16.55 5.54 4.29
C ARG C 217 -17.20 6.60 5.15
N PHE C 218 -18.13 7.35 4.57
CA PHE C 218 -18.83 8.39 5.31
C PHE C 218 -20.21 7.84 5.59
N VAL C 219 -20.65 7.95 6.83
CA VAL C 219 -21.95 7.43 7.22
C VAL C 219 -22.90 8.48 7.75
N VAL C 220 -24.15 8.42 7.32
CA VAL C 220 -25.18 9.35 7.77
C VAL C 220 -26.33 8.52 8.32
N ARG C 221 -26.79 8.88 9.51
CA ARG C 221 -27.85 8.13 10.16
C ARG C 221 -28.92 9.04 10.73
N SER C 222 -30.14 8.53 10.84
CA SER C 222 -31.24 9.28 11.42
C SER C 222 -31.51 8.59 12.75
N ASP C 223 -31.78 9.35 13.80
CA ASP C 223 -32.04 8.75 15.11
C ASP C 223 -33.55 8.62 15.33
N PHE C 224 -34.31 9.21 14.42
CA PHE C 224 -35.76 9.26 14.49
C PHE C 224 -36.44 8.50 13.35
N PRO C 225 -36.83 7.24 13.57
CA PRO C 225 -37.49 6.53 12.47
C PRO C 225 -38.80 7.24 12.15
N VAL C 226 -39.08 7.42 10.87
CA VAL C 226 -40.29 8.10 10.43
C VAL C 226 -41.30 7.18 9.77
N VAL C 227 -42.56 7.60 9.80
CA VAL C 227 -43.64 6.84 9.20
C VAL C 227 -43.52 6.91 7.69
N THR C 228 -43.42 8.13 7.17
CA THR C 228 -43.29 8.36 5.74
C THR C 228 -41.91 8.88 5.42
N ALA C 229 -41.27 8.29 4.42
CA ALA C 229 -39.93 8.69 4.03
C ALA C 229 -39.94 10.15 3.59
N ASP C 230 -38.87 10.87 3.94
CA ASP C 230 -38.72 12.27 3.58
C ASP C 230 -37.24 12.64 3.47
N GLN C 231 -36.97 13.89 3.04
CA GLN C 231 -35.61 14.37 2.88
C GLN C 231 -35.59 15.79 3.44
N PRO C 232 -35.28 15.94 4.74
CA PRO C 232 -35.21 17.20 5.49
C PRO C 232 -34.04 18.12 5.14
N GLY C 233 -32.97 17.55 4.59
CA GLY C 233 -31.83 18.37 4.26
C GLY C 233 -30.95 17.74 3.21
N HIS C 234 -29.84 18.41 2.91
CA HIS C 234 -28.93 17.93 1.89
C HIS C 234 -27.50 17.86 2.38
N LEU C 235 -26.69 17.07 1.69
CA LEU C 235 -25.30 16.90 2.06
C LEU C 235 -24.42 17.42 0.93
N TRP C 236 -23.64 18.45 1.24
CA TRP C 236 -22.73 19.03 0.28
C TRP C 236 -21.31 18.65 0.61
N LEU C 237 -20.49 18.51 -0.41
CA LEU C 237 -19.10 18.12 -0.21
C LEU C 237 -18.10 19.18 -0.57
N ARG C 238 -17.24 19.50 0.40
CA ARG C 238 -16.18 20.47 0.20
C ARG C 238 -14.95 19.57 0.17
N SER C 239 -14.30 19.48 -0.98
CA SER C 239 -13.14 18.60 -1.08
C SER C 239 -12.00 19.19 -1.87
N ARG C 240 -10.90 18.45 -1.89
CA ARG C 240 -9.70 18.81 -2.61
C ARG C 240 -8.90 17.54 -2.77
N ILE C 241 -8.53 17.22 -4.01
CA ILE C 241 -7.78 16.01 -4.25
C ILE C 241 -6.63 16.24 -5.22
N LEU C 242 -5.66 15.33 -5.18
CA LEU C 242 -4.51 15.39 -6.07
C LEU C 242 -4.60 14.23 -7.03
N LEU C 243 -4.30 14.48 -8.29
CA LEU C 243 -4.33 13.44 -9.30
C LEU C 243 -2.91 13.37 -9.86
N LYS C 244 -2.40 12.17 -10.03
CA LYS C 244 -1.04 12.02 -10.52
C LYS C 244 -0.88 10.81 -11.42
N GLY C 245 0.01 10.91 -12.39
CA GLY C 245 0.27 9.81 -13.29
C GLY C 245 -0.61 9.73 -14.52
N SER C 246 0.01 9.78 -15.69
CA SER C 246 -0.72 9.73 -16.94
C SER C 246 -1.18 8.32 -17.24
N VAL C 247 -2.35 8.20 -17.85
CA VAL C 247 -2.89 6.89 -18.21
C VAL C 247 -4.02 7.08 -19.21
N SER C 248 -4.23 6.13 -20.11
CA SER C 248 -5.32 6.25 -21.07
C SER C 248 -6.63 6.00 -20.33
N PRO C 249 -7.56 6.97 -20.37
CA PRO C 249 -8.86 6.87 -19.71
C PRO C 249 -9.58 5.54 -19.92
N SER C 250 -9.56 5.05 -21.16
CA SER C 250 -10.24 3.78 -21.45
C SER C 250 -9.60 2.58 -20.78
N THR C 251 -8.31 2.64 -20.50
CA THR C 251 -7.64 1.51 -19.87
C THR C 251 -7.70 1.65 -18.35
N ASN C 252 -8.17 2.80 -17.88
CA ASN C 252 -8.25 3.08 -16.46
C ASN C 252 -9.44 2.38 -15.81
N LEU C 253 -9.15 1.42 -14.93
CA LEU C 253 -10.19 0.67 -14.23
C LEU C 253 -9.96 0.67 -12.72
CA CA D . 9.35 -12.29 0.66
CA CA E . -6.87 2.64 -12.35
CA CA F . -10.93 -2.19 12.76
#